data_2OCF
#
_entry.id   2OCF
#
_cell.length_a   119.219
_cell.length_b   119.219
_cell.length_c   132.999
_cell.angle_alpha   90.00
_cell.angle_beta   90.00
_cell.angle_gamma   120.00
#
_symmetry.space_group_name_H-M   'P 61 2 2'
#
loop_
_entity.id
_entity.type
_entity.pdbx_description
1 polymer 'Estrogen receptor'
2 polymer Fibronectin
3 non-polymer ESTRADIOL
4 water water
#
loop_
_entity_poly.entity_id
_entity_poly.type
_entity_poly.pdbx_seq_one_letter_code
_entity_poly.pdbx_strand_id
1 'polypeptide(L)'
;IKRSKKNSLALSLTADQMVSALLDAEPPILYSEYDPTRPFSEASMMGLLTNLADRELVHMINWAKRVPGFVDLTLHDQVH
LLE(CME)AWLEILMIGLVWRSMEHPGKLLFAPNLLLDRNQGK(CME)VEGMVEIFDMLLATSSRFRMMNLQGEEFVCLK
SIILLNSGVYTFLSSTLKSLEEKDHIHRVLDKITDTLIHLMAKAGLTLQQQHQRLAQLLLILSHIRHMSNKGMEHLYSMK
CKNVVPLSDLLLEMLDAHRLHAPTSRGGASVEETDQSHLATAGSTSSHSLQKYYITGEAEGFPATV
;
A
2 'polypeptide(L)'
;MKHHHHHHSSDYKDDDDKGENLYFQGSVSDVPTKLEVVAATPTSLLISWDAPAVTVRYYRITYGETGGNSPVQEFTVPGS
KSTATISGLKPGVDYTITVYAVTGLRLMLAGSKPISINYRT
;
D
#
# COMPACT_ATOMS: atom_id res chain seq x y z
N SER A 8 -14.61 3.48 23.26
CA SER A 8 -14.16 3.13 21.88
C SER A 8 -15.29 3.34 20.87
N LEU A 9 -14.94 3.43 19.60
CA LEU A 9 -15.95 3.65 18.56
C LEU A 9 -15.97 2.51 17.54
N ALA A 10 -14.81 1.93 17.26
CA ALA A 10 -14.70 0.82 16.31
C ALA A 10 -15.53 -0.39 16.70
N LEU A 11 -16.02 -0.40 17.94
CA LEU A 11 -16.81 -1.54 18.44
C LEU A 11 -18.33 -1.35 18.30
N SER A 12 -18.77 -0.10 18.22
CA SER A 12 -20.21 0.18 18.04
C SER A 12 -20.66 -0.06 16.59
N LEU A 13 -19.70 -0.11 15.67
CA LEU A 13 -20.01 -0.28 14.27
C LEU A 13 -20.58 -1.65 13.97
N THR A 14 -21.76 -1.68 13.36
CA THR A 14 -22.31 -2.90 12.76
C THR A 14 -21.41 -3.38 11.64
N ALA A 15 -21.56 -4.64 11.26
CA ALA A 15 -20.74 -5.21 10.21
C ALA A 15 -20.83 -4.38 8.93
N ASP A 16 -22.04 -4.02 8.53
CA ASP A 16 -22.21 -3.23 7.32
C ASP A 16 -21.38 -1.96 7.42
N GLN A 17 -21.41 -1.33 8.59
CA GLN A 17 -20.62 -0.12 8.86
C GLN A 17 -19.13 -0.40 8.80
N MET A 18 -18.71 -1.44 9.52
CA MET A 18 -17.33 -1.90 9.53
C MET A 18 -16.75 -2.11 8.13
N VAL A 19 -17.52 -2.79 7.27
CA VAL A 19 -17.06 -3.12 5.93
C VAL A 19 -17.00 -1.87 5.05
N SER A 20 -17.98 -1.01 5.23
CA SER A 20 -18.03 0.24 4.48
C SER A 20 -16.80 1.10 4.78
N ALA A 21 -16.41 1.14 6.05
CA ALA A 21 -15.25 1.92 6.49
C ALA A 21 -13.98 1.45 5.82
N LEU A 22 -13.73 0.16 5.89
CA LEU A 22 -12.54 -0.44 5.32
C LEU A 22 -12.54 -0.28 3.81
N LEU A 23 -13.71 -0.37 3.21
CA LEU A 23 -13.84 -0.28 1.78
C LEU A 23 -13.49 1.12 1.30
N ASP A 24 -13.72 2.11 2.16
CA ASP A 24 -13.45 3.49 1.81
C ASP A 24 -12.00 3.84 2.04
N ALA A 25 -11.40 3.24 3.06
CA ALA A 25 -10.02 3.51 3.41
C ALA A 25 -9.00 3.00 2.38
N GLU A 26 -9.47 2.39 1.31
CA GLU A 26 -8.57 1.82 0.29
C GLU A 26 -7.55 2.81 -0.28
N PRO A 27 -6.29 2.40 -0.38
CA PRO A 27 -5.22 3.21 -0.95
C PRO A 27 -5.45 3.43 -2.42
N PRO A 28 -4.87 4.49 -2.97
CA PRO A 28 -4.96 4.74 -4.40
C PRO A 28 -4.10 3.78 -5.24
N ILE A 29 -4.60 3.44 -6.42
CA ILE A 29 -3.87 2.64 -7.39
C ILE A 29 -2.74 3.46 -8.05
N LEU A 30 -1.57 2.83 -8.19
CA LEU A 30 -0.35 3.54 -8.61
C LEU A 30 0.22 2.98 -9.88
N TYR A 31 0.67 3.85 -10.77
CA TYR A 31 1.47 3.41 -11.91
C TYR A 31 2.92 3.15 -11.52
N SER A 32 3.54 2.17 -12.16
CA SER A 32 4.94 1.92 -11.92
C SER A 32 5.76 2.84 -12.82
N GLU A 33 7.08 2.77 -12.68
CA GLU A 33 7.94 3.71 -13.38
C GLU A 33 8.47 3.01 -14.62
N TYR A 34 7.73 2.00 -15.04
CA TYR A 34 8.12 1.20 -16.19
C TYR A 34 8.36 2.04 -17.40
N ASP A 35 9.45 1.76 -18.09
CA ASP A 35 9.82 2.46 -19.29
C ASP A 35 10.35 1.41 -20.26
N PRO A 36 9.82 1.39 -21.49
CA PRO A 36 10.16 0.36 -22.46
C PRO A 36 11.33 0.71 -23.37
N THR A 37 11.91 1.90 -23.24
CA THR A 37 13.09 2.21 -24.03
C THR A 37 14.32 1.56 -23.42
N ARG A 38 14.24 1.23 -22.14
CA ARG A 38 15.35 0.58 -21.44
C ARG A 38 14.98 -0.88 -21.12
N PRO A 39 15.84 -1.82 -21.55
CA PRO A 39 15.49 -3.25 -21.49
C PRO A 39 15.54 -3.83 -20.08
N PHE A 40 14.95 -5.01 -19.87
CA PHE A 40 14.93 -5.63 -18.54
C PHE A 40 16.26 -6.22 -18.11
N SER A 41 16.92 -5.52 -17.19
CA SER A 41 18.07 -6.05 -16.51
C SER A 41 17.66 -6.40 -15.09
N GLU A 42 18.51 -7.14 -14.41
CA GLU A 42 18.27 -7.49 -13.03
C GLU A 42 18.24 -6.20 -12.23
N ALA A 43 19.14 -5.28 -12.57
CA ALA A 43 19.22 -4.00 -11.87
C ALA A 43 17.92 -3.23 -12.06
N SER A 44 17.48 -3.12 -13.31
CA SER A 44 16.38 -2.25 -13.66
C SER A 44 15.04 -2.79 -13.15
N MET A 45 14.88 -4.10 -13.14
CA MET A 45 13.62 -4.60 -12.66
C MET A 45 13.50 -4.51 -11.14
N MET A 46 14.62 -4.69 -10.43
CA MET A 46 14.62 -4.60 -8.98
C MET A 46 14.37 -3.17 -8.57
N GLY A 47 14.93 -2.25 -9.36
CA GLY A 47 14.73 -0.84 -9.13
C GLY A 47 13.28 -0.48 -9.35
N LEU A 48 12.64 -1.18 -10.27
CA LEU A 48 11.26 -0.91 -10.65
C LEU A 48 10.32 -1.34 -9.54
N LEU A 49 10.51 -2.58 -9.10
CA LEU A 49 9.74 -3.17 -8.03
C LEU A 49 9.99 -2.46 -6.72
N THR A 50 11.21 -1.99 -6.57
CA THR A 50 11.65 -1.46 -5.32
C THR A 50 11.16 -0.04 -5.19
N ASN A 51 11.04 0.63 -6.34
CA ASN A 51 10.49 1.97 -6.41
C ASN A 51 8.99 1.99 -6.14
N LEU A 52 8.30 1.01 -6.73
CA LEU A 52 6.89 0.82 -6.51
C LEU A 52 6.68 0.60 -5.01
N ALA A 53 7.43 -0.32 -4.42
CA ALA A 53 7.28 -0.54 -3.00
C ALA A 53 7.41 0.77 -2.20
N ASP A 54 8.45 1.57 -2.45
CA ASP A 54 8.56 2.80 -1.66
C ASP A 54 7.30 3.64 -1.79
N ARG A 55 6.87 3.86 -3.03
CA ARG A 55 5.61 4.54 -3.26
C ARG A 55 4.49 3.99 -2.39
N GLU A 56 4.15 2.72 -2.58
CA GLU A 56 3.01 2.17 -1.87
C GLU A 56 3.11 2.42 -0.35
N LEU A 57 4.28 2.17 0.22
CA LEU A 57 4.48 2.42 1.65
C LEU A 57 3.96 3.78 2.14
N VAL A 58 4.06 4.82 1.32
CA VAL A 58 3.61 6.15 1.76
C VAL A 58 2.10 6.18 1.93
N HIS A 59 1.42 5.45 1.08
CA HIS A 59 -0.02 5.35 1.18
C HIS A 59 -0.43 4.31 2.20
N MET A 60 0.42 3.32 2.42
CA MET A 60 0.11 2.30 3.40
C MET A 60 -0.06 2.94 4.76
N ILE A 61 0.84 3.86 5.06
CA ILE A 61 0.79 4.60 6.32
C ILE A 61 -0.57 5.28 6.50
N ASN A 62 -1.01 6.03 5.50
CA ASN A 62 -2.25 6.78 5.68
C ASN A 62 -3.47 5.90 5.53
N TRP A 63 -3.32 4.75 4.90
CA TRP A 63 -4.39 3.75 4.84
C TRP A 63 -4.64 3.16 6.23
N ALA A 64 -3.55 2.74 6.87
CA ALA A 64 -3.58 2.19 8.21
C ALA A 64 -4.35 3.08 9.17
N LYS A 65 -4.07 4.37 9.17
CA LYS A 65 -4.69 5.25 10.15
C LYS A 65 -6.20 5.18 10.07
N ARG A 66 -6.69 4.97 8.86
CA ARG A 66 -8.11 4.90 8.53
C ARG A 66 -8.76 3.55 8.90
N VAL A 67 -7.93 2.54 9.19
CA VAL A 67 -8.41 1.23 9.69
C VAL A 67 -8.92 1.33 11.12
N PRO A 68 -10.19 0.99 11.34
CA PRO A 68 -10.89 1.30 12.59
C PRO A 68 -10.16 0.85 13.84
N GLY A 69 -10.00 1.78 14.77
CA GLY A 69 -9.36 1.48 16.03
C GLY A 69 -7.86 1.52 15.98
N PHE A 70 -7.29 1.51 14.77
CA PHE A 70 -5.83 1.54 14.63
C PHE A 70 -5.24 2.80 15.25
N VAL A 71 -5.79 3.95 14.90
CA VAL A 71 -5.29 5.22 15.41
C VAL A 71 -5.54 5.42 16.92
N ASP A 72 -6.15 4.42 17.57
CA ASP A 72 -6.40 4.50 19.01
C ASP A 72 -5.32 3.82 19.81
N LEU A 73 -4.33 3.23 19.13
CA LEU A 73 -3.22 2.57 19.80
C LEU A 73 -2.08 3.55 20.10
N THR A 74 -1.21 3.22 21.04
CA THR A 74 -0.06 4.10 21.24
C THR A 74 0.77 4.14 19.96
N LEU A 75 1.24 5.32 19.60
CA LEU A 75 2.07 5.53 18.41
C LEU A 75 3.19 4.52 18.27
N HIS A 76 3.71 4.08 19.41
CA HIS A 76 4.73 3.04 19.46
C HIS A 76 4.20 1.74 18.85
N ASP A 77 2.93 1.44 19.08
CA ASP A 77 2.31 0.21 18.61
C ASP A 77 1.92 0.33 17.17
N GLN A 78 1.51 1.54 16.78
CA GLN A 78 1.17 1.82 15.39
C GLN A 78 2.41 1.63 14.53
N VAL A 79 3.54 2.13 15.01
CA VAL A 79 4.81 1.93 14.34
C VAL A 79 5.14 0.45 14.25
N HIS A 80 5.07 -0.25 15.38
CA HIS A 80 5.46 -1.66 15.43
C HIS A 80 4.66 -2.50 14.46
N LEU A 81 3.35 -2.36 14.49
CA LEU A 81 2.50 -3.10 13.58
C LEU A 81 2.97 -2.90 12.14
N LEU A 82 3.29 -1.66 11.77
CA LEU A 82 3.67 -1.41 10.38
C LEU A 82 5.08 -1.93 10.03
N GLU A 83 6.06 -1.70 10.91
CA GLU A 83 7.36 -2.30 10.68
C GLU A 83 7.23 -3.82 10.48
N ALA A 85 4.32 -5.49 9.49
CA ALA A 85 3.35 -5.93 8.49
C ALA A 85 3.56 -5.50 7.03
N TRP A 86 4.42 -4.51 6.79
CA TRP A 86 4.41 -3.82 5.49
C TRP A 86 4.51 -4.73 4.26
N LEU A 87 5.42 -5.70 4.26
CA LEU A 87 5.53 -6.58 3.11
C LEU A 87 4.33 -7.52 3.02
N GLU A 88 3.84 -8.03 4.16
CA GLU A 88 2.63 -8.88 4.10
C GLU A 88 1.52 -8.11 3.44
N ILE A 89 1.27 -6.88 3.91
CA ILE A 89 0.29 -5.96 3.34
C ILE A 89 0.50 -5.74 1.83
N LEU A 90 1.71 -5.31 1.48
CA LEU A 90 2.12 -5.25 0.08
C LEU A 90 1.73 -6.51 -0.71
N MET A 91 2.04 -7.67 -0.15
CA MET A 91 1.82 -8.93 -0.86
C MET A 91 0.35 -9.26 -1.03
N ILE A 92 -0.40 -9.27 0.07
CA ILE A 92 -1.82 -9.59 0.03
C ILE A 92 -2.50 -8.69 -1.02
N GLY A 93 -2.06 -7.44 -1.12
CA GLY A 93 -2.58 -6.56 -2.15
C GLY A 93 -2.24 -7.06 -3.55
N LEU A 94 -1.00 -7.46 -3.78
CA LEU A 94 -0.57 -7.89 -5.09
C LEU A 94 -1.41 -9.08 -5.48
N VAL A 95 -1.60 -9.95 -4.50
CA VAL A 95 -2.26 -11.23 -4.72
C VAL A 95 -3.74 -11.02 -4.97
N TRP A 96 -4.32 -10.03 -4.32
CA TRP A 96 -5.67 -9.61 -4.63
C TRP A 96 -5.74 -9.11 -6.07
N ARG A 97 -4.92 -8.11 -6.35
CA ARG A 97 -4.82 -7.50 -7.66
C ARG A 97 -4.57 -8.48 -8.81
N SER A 98 -4.00 -9.65 -8.53
CA SER A 98 -3.65 -10.56 -9.61
C SER A 98 -4.68 -11.67 -9.87
N MET A 99 -5.73 -11.71 -9.06
CA MET A 99 -6.63 -12.86 -9.06
C MET A 99 -7.20 -13.17 -10.42
N GLU A 100 -7.48 -12.15 -11.20
CA GLU A 100 -8.13 -12.36 -12.48
C GLU A 100 -7.13 -12.49 -13.62
N HIS A 101 -5.90 -12.87 -13.29
CA HIS A 101 -4.87 -13.06 -14.29
C HIS A 101 -4.16 -14.40 -14.11
N PRO A 102 -4.87 -15.49 -14.37
CA PRO A 102 -4.16 -16.74 -14.18
C PRO A 102 -2.80 -16.62 -14.86
N GLY A 103 -1.74 -16.91 -14.12
CA GLY A 103 -0.40 -16.99 -14.68
C GLY A 103 0.54 -15.85 -14.37
N LYS A 104 0.02 -14.64 -14.13
CA LYS A 104 0.87 -13.48 -13.92
C LYS A 104 0.52 -12.59 -12.74
N LEU A 105 1.47 -11.73 -12.40
CA LEU A 105 1.35 -10.86 -11.24
C LEU A 105 1.21 -9.42 -11.67
N LEU A 106 0.12 -8.82 -11.21
CA LEU A 106 -0.27 -7.48 -11.61
C LEU A 106 0.25 -6.49 -10.59
N PHE A 107 1.57 -6.40 -10.50
CA PHE A 107 2.24 -5.39 -9.66
C PHE A 107 1.65 -4.00 -9.81
N ALA A 108 1.27 -3.64 -11.03
CA ALA A 108 0.62 -2.34 -11.28
C ALA A 108 -0.05 -2.29 -12.66
N PRO A 109 -1.03 -1.37 -12.82
CA PRO A 109 -1.74 -1.19 -14.07
C PRO A 109 -0.82 -1.22 -15.33
N ASN A 110 0.43 -0.79 -15.19
CA ASN A 110 1.38 -0.87 -16.30
C ASN A 110 2.49 -1.90 -16.09
N LEU A 111 2.28 -2.82 -15.16
CA LEU A 111 3.28 -3.82 -14.89
C LEU A 111 2.60 -5.16 -14.64
N LEU A 112 2.48 -5.94 -15.71
CA LEU A 112 1.94 -7.28 -15.62
C LEU A 112 3.08 -8.21 -15.89
N LEU A 113 3.71 -8.69 -14.82
CA LEU A 113 4.79 -9.64 -14.97
C LEU A 113 4.25 -11.06 -14.95
N ASP A 114 4.96 -11.96 -15.60
CA ASP A 114 4.65 -13.35 -15.44
C ASP A 114 5.92 -14.10 -15.03
N ARG A 115 5.82 -15.41 -14.92
CA ARG A 115 6.82 -16.17 -14.20
C ARG A 115 8.25 -16.10 -14.72
N ASN A 116 8.46 -16.09 -16.03
CA ASN A 116 9.84 -16.06 -16.52
C ASN A 116 10.47 -14.70 -16.33
N GLN A 117 9.66 -13.65 -16.47
CA GLN A 117 10.13 -12.30 -16.25
C GLN A 117 10.73 -12.13 -14.86
N GLY A 118 10.37 -13.03 -13.96
CA GLY A 118 10.85 -12.96 -12.60
C GLY A 118 12.23 -13.57 -12.48
N LYS A 119 12.53 -14.57 -13.28
CA LYS A 119 13.83 -15.20 -13.15
C LYS A 119 14.93 -14.42 -13.88
N VAL A 121 15.84 -11.84 -12.08
CA VAL A 121 16.48 -11.53 -10.82
C VAL A 121 16.70 -12.81 -10.03
N GLU A 122 17.94 -13.07 -9.64
CA GLU A 122 18.19 -14.32 -8.92
C GLU A 122 17.51 -14.27 -7.54
N GLY A 123 16.88 -15.38 -7.16
CA GLY A 123 16.09 -15.43 -5.93
C GLY A 123 14.62 -15.07 -6.13
N MET A 124 14.32 -14.25 -7.12
CA MET A 124 12.97 -13.82 -7.37
C MET A 124 11.98 -14.95 -7.65
N VAL A 125 12.32 -15.80 -8.62
CA VAL A 125 11.36 -16.75 -9.18
C VAL A 125 10.67 -17.61 -8.13
N GLU A 126 11.42 -18.04 -7.12
CA GLU A 126 10.81 -18.81 -6.05
C GLU A 126 9.70 -18.09 -5.31
N ILE A 127 9.90 -16.81 -5.01
CA ILE A 127 8.88 -16.04 -4.33
C ILE A 127 7.69 -15.81 -5.27
N PHE A 128 7.98 -15.53 -6.55
CA PHE A 128 6.95 -15.34 -7.57
C PHE A 128 6.03 -16.52 -7.64
N ASP A 129 6.64 -17.71 -7.70
CA ASP A 129 5.87 -18.94 -7.80
C ASP A 129 4.85 -19.04 -6.66
N MET A 130 5.23 -18.57 -5.48
CA MET A 130 4.34 -18.63 -4.34
C MET A 130 3.27 -17.55 -4.41
N LEU A 131 3.65 -16.38 -4.90
CA LEU A 131 2.72 -15.28 -4.97
C LEU A 131 1.64 -15.71 -5.93
N LEU A 132 2.05 -16.29 -7.05
CA LEU A 132 1.13 -16.86 -8.00
C LEU A 132 0.21 -17.93 -7.33
N ALA A 133 0.80 -18.92 -6.69
CA ALA A 133 0.02 -20.01 -6.09
C ALA A 133 -1.05 -19.48 -5.18
N THR A 134 -0.66 -18.58 -4.28
CA THR A 134 -1.60 -17.92 -3.40
C THR A 134 -2.67 -17.15 -4.17
N SER A 135 -2.26 -16.30 -5.10
CA SER A 135 -3.22 -15.61 -5.97
C SER A 135 -4.29 -16.56 -6.50
N SER A 136 -3.85 -17.55 -7.26
CA SER A 136 -4.75 -18.56 -7.78
C SER A 136 -5.69 -19.12 -6.73
N ARG A 137 -5.14 -19.44 -5.57
CA ARG A 137 -5.99 -19.99 -4.50
C ARG A 137 -7.16 -19.07 -4.11
N PHE A 138 -6.92 -17.78 -3.97
CA PHE A 138 -7.99 -16.82 -3.74
C PHE A 138 -9.00 -16.80 -4.88
N ARG A 139 -8.52 -16.73 -6.12
CA ARG A 139 -9.43 -16.73 -7.28
C ARG A 139 -10.29 -17.97 -7.26
N MET A 140 -9.66 -19.08 -6.90
CA MET A 140 -10.29 -20.37 -6.92
C MET A 140 -11.35 -20.51 -5.84
N MET A 141 -11.29 -19.69 -4.81
CA MET A 141 -12.32 -19.76 -3.80
C MET A 141 -13.16 -18.50 -3.83
N ASN A 142 -13.03 -17.79 -4.94
CA ASN A 142 -13.87 -16.64 -5.19
C ASN A 142 -13.87 -15.59 -4.10
N LEU A 143 -12.68 -15.22 -3.62
CA LEU A 143 -12.56 -14.22 -2.58
C LEU A 143 -13.22 -12.95 -3.02
N GLN A 144 -14.07 -12.40 -2.16
CA GLN A 144 -14.82 -11.19 -2.49
C GLN A 144 -14.13 -9.98 -1.91
N GLY A 145 -14.25 -8.85 -2.61
CA GLY A 145 -13.64 -7.59 -2.15
C GLY A 145 -13.89 -7.26 -0.68
N GLU A 146 -15.10 -7.55 -0.21
CA GLU A 146 -15.46 -7.36 1.19
C GLU A 146 -14.70 -8.28 2.18
N GLU A 147 -14.41 -9.51 1.78
CA GLU A 147 -13.59 -10.38 2.62
C GLU A 147 -12.18 -9.84 2.59
N PHE A 148 -11.74 -9.41 1.42
CA PHE A 148 -10.36 -9.03 1.21
C PHE A 148 -9.88 -7.89 2.13
N VAL A 149 -10.69 -6.85 2.26
CA VAL A 149 -10.31 -5.73 3.10
C VAL A 149 -10.22 -6.14 4.55
N CYS A 150 -11.10 -7.05 4.95
CA CYS A 150 -10.96 -7.68 6.25
C CYS A 150 -9.63 -8.38 6.41
N LEU A 151 -9.30 -9.25 5.46
CA LEU A 151 -7.99 -9.94 5.50
C LEU A 151 -6.84 -8.96 5.71
N LYS A 152 -6.72 -7.98 4.81
CA LYS A 152 -5.75 -6.90 4.94
C LYS A 152 -5.59 -6.45 6.38
N SER A 153 -6.70 -5.96 6.93
CA SER A 153 -6.72 -5.46 8.28
C SER A 153 -6.23 -6.49 9.29
N ILE A 154 -6.70 -7.72 9.17
CA ILE A 154 -6.28 -8.72 10.12
C ILE A 154 -4.76 -8.81 10.03
N ILE A 155 -4.26 -8.90 8.81
CA ILE A 155 -2.83 -8.93 8.58
C ILE A 155 -2.10 -7.79 9.27
N LEU A 156 -2.59 -6.56 9.09
CA LEU A 156 -2.01 -5.42 9.79
C LEU A 156 -2.06 -5.62 11.30
N LEU A 157 -3.23 -5.96 11.83
CA LEU A 157 -3.42 -6.08 13.27
C LEU A 157 -2.77 -7.30 13.89
N ASN A 158 -2.56 -8.35 13.11
CA ASN A 158 -2.12 -9.61 13.70
C ASN A 158 -0.60 -9.80 13.69
N SER A 159 0.11 -8.93 12.98
CA SER A 159 1.57 -9.03 12.87
C SER A 159 2.34 -8.97 14.21
N GLY A 160 3.30 -9.90 14.39
CA GLY A 160 4.20 -9.84 15.54
C GLY A 160 4.12 -10.83 16.70
N VAL A 161 3.63 -10.35 17.85
CA VAL A 161 3.87 -11.04 19.11
C VAL A 161 3.07 -10.36 20.23
N TYR A 162 3.10 -10.91 21.44
CA TYR A 162 2.66 -10.18 22.62
C TYR A 162 3.91 -9.63 23.32
N THR A 163 3.76 -8.94 24.45
CA THR A 163 4.95 -8.46 25.18
C THR A 163 5.83 -9.63 25.63
N LYS A 175 -2.34 -5.50 25.50
CA LYS A 175 -2.57 -5.49 24.06
C LYS A 175 -3.87 -6.21 23.73
N ASP A 176 -4.85 -6.08 24.62
CA ASP A 176 -6.15 -6.70 24.46
C ASP A 176 -7.07 -5.79 23.66
N HIS A 177 -6.68 -4.53 23.53
CA HIS A 177 -7.36 -3.62 22.61
C HIS A 177 -7.31 -4.22 21.21
N ILE A 178 -6.08 -4.36 20.72
CA ILE A 178 -5.80 -4.99 19.43
C ILE A 178 -6.61 -6.25 19.25
N HIS A 179 -6.69 -7.05 20.32
CA HIS A 179 -7.34 -8.35 20.25
C HIS A 179 -8.88 -8.29 20.13
N ARG A 180 -9.50 -7.22 20.64
CA ARG A 180 -10.93 -7.04 20.46
C ARG A 180 -11.24 -6.61 19.03
N VAL A 181 -10.64 -5.51 18.60
CA VAL A 181 -10.87 -5.07 17.22
C VAL A 181 -10.54 -6.14 16.16
N LEU A 182 -9.77 -7.15 16.51
CA LEU A 182 -9.61 -8.34 15.64
C LEU A 182 -10.82 -9.27 15.67
N ASP A 183 -11.32 -9.54 16.87
CA ASP A 183 -12.49 -10.37 17.03
C ASP A 183 -13.69 -9.67 16.44
N LYS A 184 -13.60 -8.35 16.29
CA LYS A 184 -14.62 -7.60 15.58
C LYS A 184 -14.56 -7.98 14.12
N ILE A 185 -13.41 -7.72 13.51
CA ILE A 185 -13.18 -8.08 12.15
C ILE A 185 -13.57 -9.53 11.85
N THR A 186 -13.36 -10.42 12.81
CA THR A 186 -13.78 -11.81 12.61
C THR A 186 -15.29 -11.92 12.45
N ASP A 187 -16.01 -11.22 13.33
CA ASP A 187 -17.48 -11.24 13.32
C ASP A 187 -18.01 -10.69 12.00
N THR A 188 -17.39 -9.59 11.55
CA THR A 188 -17.66 -9.00 10.25
C THR A 188 -17.50 -10.06 9.17
N LEU A 189 -16.32 -10.67 9.12
CA LEU A 189 -16.08 -11.77 8.20
C LEU A 189 -17.23 -12.76 8.22
N ILE A 190 -17.48 -13.34 9.39
CA ILE A 190 -18.55 -14.32 9.52
C ILE A 190 -19.89 -13.74 9.06
N HIS A 191 -20.14 -12.47 9.34
CA HIS A 191 -21.39 -11.85 8.91
C HIS A 191 -21.54 -11.87 7.38
N LEU A 192 -20.47 -11.56 6.68
CA LEU A 192 -20.46 -11.59 5.22
C LEU A 192 -20.94 -12.93 4.67
N MET A 193 -20.32 -13.99 5.16
CA MET A 193 -20.61 -15.35 4.69
C MET A 193 -22.06 -15.70 4.95
N ALA A 194 -22.48 -15.53 6.19
CA ALA A 194 -23.86 -15.66 6.55
C ALA A 194 -24.72 -14.94 5.48
N LYS A 195 -24.49 -13.64 5.32
CA LYS A 195 -25.21 -12.80 4.37
C LYS A 195 -25.11 -13.32 2.93
N ALA A 196 -24.09 -14.13 2.65
CA ALA A 196 -23.86 -14.62 1.28
C ALA A 196 -24.45 -16.01 1.01
N GLY A 197 -25.17 -16.56 1.99
CA GLY A 197 -25.87 -17.82 1.80
C GLY A 197 -25.03 -19.08 2.03
N LEU A 198 -24.27 -19.10 3.13
CA LEU A 198 -23.59 -20.31 3.55
C LEU A 198 -24.27 -20.95 4.76
N THR A 199 -24.12 -22.26 4.90
CA THR A 199 -24.54 -22.94 6.13
C THR A 199 -23.48 -22.77 7.22
N LEU A 200 -23.87 -23.00 8.47
CA LEU A 200 -22.96 -22.84 9.61
C LEU A 200 -21.64 -23.56 9.40
N GLN A 201 -21.71 -24.80 8.90
CA GLN A 201 -20.51 -25.60 8.71
C GLN A 201 -19.67 -25.12 7.55
N GLN A 202 -20.31 -24.65 6.48
CA GLN A 202 -19.57 -24.08 5.38
C GLN A 202 -18.97 -22.76 5.82
N GLN A 203 -19.61 -22.13 6.80
CA GLN A 203 -19.15 -20.84 7.28
C GLN A 203 -17.84 -20.98 7.99
N HIS A 204 -17.83 -21.78 9.05
CA HIS A 204 -16.59 -21.96 9.79
C HIS A 204 -15.49 -22.52 8.90
N GLN A 205 -15.84 -23.43 8.00
CA GLN A 205 -14.86 -24.01 7.09
C GLN A 205 -14.16 -22.97 6.24
N ARG A 206 -14.91 -22.04 5.68
CA ARG A 206 -14.35 -21.01 4.83
C ARG A 206 -13.56 -19.98 5.65
N LEU A 207 -14.06 -19.72 6.85
CA LEU A 207 -13.33 -18.86 7.77
C LEU A 207 -11.95 -19.46 7.98
N ALA A 208 -11.90 -20.74 8.32
CA ALA A 208 -10.62 -21.41 8.52
C ALA A 208 -9.75 -21.37 7.26
N GLN A 209 -10.37 -21.49 6.10
CA GLN A 209 -9.59 -21.58 4.89
C GLN A 209 -8.85 -20.27 4.66
N LEU A 210 -9.51 -19.16 4.93
CA LEU A 210 -8.87 -17.86 4.71
C LEU A 210 -7.75 -17.62 5.70
N LEU A 211 -8.01 -17.90 6.97
CA LEU A 211 -7.01 -17.68 8.00
C LEU A 211 -5.77 -18.56 7.82
N LEU A 212 -5.95 -19.75 7.27
CA LEU A 212 -4.81 -20.60 6.97
C LEU A 212 -3.92 -19.94 5.90
N ILE A 213 -4.55 -19.30 4.91
CA ILE A 213 -3.81 -18.60 3.87
C ILE A 213 -2.89 -17.53 4.45
N LEU A 214 -3.35 -16.84 5.49
CA LEU A 214 -2.53 -15.78 6.09
C LEU A 214 -1.16 -16.31 6.47
N SER A 215 -1.11 -17.58 6.85
CA SER A 215 0.14 -18.24 7.18
C SER A 215 1.13 -18.21 5.98
N HIS A 216 0.63 -18.55 4.80
CA HIS A 216 1.43 -18.59 3.60
C HIS A 216 2.03 -17.23 3.29
N ILE A 217 1.28 -16.17 3.60
CA ILE A 217 1.76 -14.81 3.39
C ILE A 217 2.86 -14.40 4.37
N ARG A 218 2.68 -14.77 5.65
CA ARG A 218 3.72 -14.51 6.60
C ARG A 218 4.97 -15.07 5.97
N HIS A 219 4.89 -16.34 5.58
CA HIS A 219 5.99 -17.05 4.94
C HIS A 219 6.56 -16.39 3.71
N MET A 220 5.69 -15.96 2.78
CA MET A 220 6.17 -15.28 1.58
C MET A 220 6.86 -13.99 1.97
N SER A 221 6.24 -13.28 2.91
CA SER A 221 6.80 -12.06 3.47
C SER A 221 8.20 -12.28 4.05
N ASN A 222 8.39 -13.39 4.73
CA ASN A 222 9.69 -13.58 5.34
C ASN A 222 10.73 -13.81 4.27
N LYS A 223 10.36 -14.59 3.26
CA LYS A 223 11.30 -14.98 2.21
C LYS A 223 11.68 -13.75 1.40
N GLY A 224 10.69 -12.94 1.05
CA GLY A 224 10.91 -11.68 0.35
C GLY A 224 11.85 -10.77 1.12
N MET A 225 11.45 -10.40 2.32
CA MET A 225 12.28 -9.57 3.18
C MET A 225 13.77 -9.97 3.16
N GLU A 226 14.06 -11.26 3.15
CA GLU A 226 15.45 -11.71 3.17
C GLU A 226 16.05 -11.45 1.80
N HIS A 227 15.27 -11.74 0.78
CA HIS A 227 15.69 -11.45 -0.59
C HIS A 227 16.01 -9.98 -0.75
N LEU A 228 15.05 -9.13 -0.42
CA LEU A 228 15.25 -7.70 -0.45
C LEU A 228 16.52 -7.30 0.29
N TYR A 229 16.70 -7.83 1.49
CA TYR A 229 17.95 -7.58 2.22
C TYR A 229 19.21 -8.04 1.47
N SER A 230 19.19 -9.22 0.86
CA SER A 230 20.39 -9.65 0.14
C SER A 230 20.68 -8.73 -1.05
N MET A 231 19.61 -8.17 -1.63
CA MET A 231 19.75 -7.26 -2.76
C MET A 231 20.35 -5.92 -2.33
N LYS A 232 20.02 -5.49 -1.12
CA LYS A 232 20.61 -4.28 -0.59
C LYS A 232 22.13 -4.41 -0.45
N CYS A 233 22.59 -5.53 0.11
CA CYS A 233 24.03 -5.76 0.27
C CYS A 233 24.72 -5.89 -1.08
N LYS A 234 24.47 -6.98 -1.80
CA LYS A 234 24.99 -7.12 -3.16
C LYS A 234 25.10 -5.74 -3.83
N ASN A 235 24.28 -4.82 -3.34
CA ASN A 235 24.21 -3.45 -3.83
C ASN A 235 23.86 -3.34 -5.30
N VAL A 236 22.95 -4.22 -5.73
CA VAL A 236 22.40 -4.15 -7.06
C VAL A 236 21.80 -2.75 -7.17
N VAL A 237 20.63 -2.58 -6.57
CA VAL A 237 19.87 -1.34 -6.66
C VAL A 237 19.88 -0.57 -5.34
N PRO A 238 19.78 0.77 -5.42
CA PRO A 238 19.66 1.57 -4.20
C PRO A 238 18.20 1.68 -3.77
N LEU A 239 17.98 1.73 -2.46
CA LEU A 239 16.62 1.75 -1.93
C LEU A 239 16.36 3.07 -1.22
N SER A 240 15.12 3.57 -1.31
CA SER A 240 14.75 4.84 -0.70
C SER A 240 14.69 4.85 0.82
N ASP A 241 14.96 6.01 1.41
CA ASP A 241 15.04 6.13 2.86
C ASP A 241 13.95 5.42 3.67
N LEU A 242 12.72 5.40 3.17
CA LEU A 242 11.58 4.85 3.92
C LEU A 242 11.56 3.34 3.90
N LEU A 243 11.63 2.76 2.70
CA LEU A 243 11.77 1.32 2.53
C LEU A 243 12.96 0.85 3.35
N LEU A 244 14.06 1.55 3.19
CA LEU A 244 15.27 1.23 3.89
C LEU A 244 14.99 1.05 5.38
N GLU A 245 14.19 1.94 5.96
CA GLU A 245 13.85 1.85 7.37
C GLU A 245 12.98 0.64 7.63
N MET A 246 12.01 0.39 6.76
CA MET A 246 11.10 -0.71 7.00
C MET A 246 11.83 -2.04 6.98
N LEU A 247 12.92 -2.09 6.23
CA LEU A 247 13.71 -3.30 6.14
C LEU A 247 14.56 -3.44 7.40
N ASP A 248 15.40 -2.46 7.67
CA ASP A 248 16.26 -2.49 8.82
C ASP A 248 15.49 -2.69 10.14
N ALA A 249 14.23 -2.33 10.14
CA ALA A 249 13.36 -2.59 11.29
C ALA A 249 13.25 -4.08 11.61
N HIS A 250 13.80 -4.92 10.73
CA HIS A 250 13.54 -6.35 10.82
C HIS A 250 14.72 -7.16 11.32
N ARG A 251 15.93 -6.63 11.15
CA ARG A 251 17.06 -7.26 11.82
C ARG A 251 17.62 -6.32 12.88
N SER B 29 4.58 25.48 11.46
CA SER B 29 3.94 24.15 11.25
C SER B 29 4.96 23.02 11.31
N ASP B 30 4.55 21.83 10.88
CA ASP B 30 5.34 20.61 11.04
C ASP B 30 5.03 19.61 9.93
N VAL B 31 4.18 20.06 9.00
CA VAL B 31 3.88 19.35 7.78
C VAL B 31 3.57 20.41 6.72
N PRO B 32 3.82 20.09 5.43
CA PRO B 32 3.66 21.05 4.35
C PRO B 32 2.33 21.79 4.38
N THR B 33 2.35 23.07 4.01
CA THR B 33 1.13 23.82 3.94
C THR B 33 1.16 24.87 2.82
N LYS B 34 0.03 25.53 2.59
CA LYS B 34 -0.08 26.57 1.58
C LYS B 34 0.35 26.04 0.20
N LEU B 35 -0.22 24.90 -0.18
CA LEU B 35 -0.04 24.32 -1.52
C LEU B 35 -0.86 25.11 -2.51
N GLU B 36 -0.27 25.45 -3.63
CA GLU B 36 -1.03 26.15 -4.65
C GLU B 36 -0.32 26.16 -5.98
N VAL B 37 -1.11 26.43 -7.01
CA VAL B 37 -0.65 26.52 -8.38
C VAL B 37 -0.14 27.90 -8.71
N VAL B 38 1.15 28.00 -9.04
CA VAL B 38 1.83 29.25 -9.31
C VAL B 38 1.56 29.70 -10.73
N ALA B 39 1.91 28.83 -11.67
CA ALA B 39 1.72 29.09 -13.10
C ALA B 39 1.08 27.88 -13.75
N ALA B 40 0.66 28.06 -14.99
CA ALA B 40 -0.01 27.00 -15.71
C ALA B 40 0.04 27.22 -17.23
N THR B 41 0.34 26.16 -17.96
CA THR B 41 0.06 26.14 -19.39
C THR B 41 -1.08 25.15 -19.61
N PRO B 42 -1.63 25.10 -20.83
CA PRO B 42 -2.53 24.03 -21.19
C PRO B 42 -2.12 22.63 -20.71
N THR B 43 -0.82 22.35 -20.67
CA THR B 43 -0.34 20.99 -20.37
C THR B 43 0.50 20.83 -19.13
N SER B 44 0.99 21.94 -18.57
CA SER B 44 1.88 21.90 -17.40
C SER B 44 1.39 22.73 -16.25
N LEU B 45 1.77 22.32 -15.05
CA LEU B 45 1.47 23.09 -13.84
C LEU B 45 2.75 23.27 -13.07
N LEU B 46 2.93 24.45 -12.51
CA LEU B 46 4.04 24.66 -11.62
C LEU B 46 3.38 24.92 -10.29
N ILE B 47 3.78 24.17 -9.27
CA ILE B 47 3.15 24.32 -7.96
C ILE B 47 4.18 24.62 -6.88
N SER B 48 3.70 25.18 -5.78
CA SER B 48 4.57 25.43 -4.65
C SER B 48 3.83 25.22 -3.36
N TRP B 49 4.58 24.97 -2.30
CA TRP B 49 4.02 24.89 -0.98
C TRP B 49 5.00 25.44 0.05
N ASP B 50 4.49 25.79 1.22
CA ASP B 50 5.33 26.19 2.34
C ASP B 50 5.78 24.94 3.06
N ALA B 51 7.08 24.70 3.03
CA ALA B 51 7.70 23.53 3.63
C ALA B 51 7.44 23.45 5.14
N PRO B 52 7.60 22.24 5.71
CA PRO B 52 7.45 22.16 7.15
C PRO B 52 8.78 22.52 7.78
N ALA B 53 8.78 22.86 9.07
CA ALA B 53 10.02 23.20 9.75
C ALA B 53 10.74 21.95 10.21
N VAL B 54 11.28 21.18 9.25
CA VAL B 54 11.86 19.89 9.58
C VAL B 54 12.65 19.30 8.41
N THR B 55 13.74 18.61 8.72
CA THR B 55 14.37 17.75 7.74
C THR B 55 13.26 16.99 7.02
N VAL B 56 13.13 17.21 5.71
CA VAL B 56 12.27 16.35 4.91
C VAL B 56 13.12 15.56 3.94
N ARG B 57 13.07 14.23 4.05
CA ARG B 57 13.90 13.38 3.20
C ARG B 57 13.63 13.68 1.72
N TYR B 58 12.36 13.64 1.35
CA TYR B 58 11.92 14.12 0.05
C TYR B 58 10.41 14.20 0.07
N TYR B 59 9.82 14.73 -1.00
CA TYR B 59 8.38 14.80 -1.15
C TYR B 59 7.87 13.85 -2.24
N ARG B 60 6.60 13.52 -2.17
CA ARG B 60 5.95 12.85 -3.29
C ARG B 60 4.82 13.73 -3.74
N ILE B 61 4.70 13.92 -5.04
CA ILE B 61 3.58 14.63 -5.62
C ILE B 61 2.72 13.63 -6.33
N THR B 62 1.42 13.66 -6.09
CA THR B 62 0.53 12.82 -6.88
C THR B 62 -0.52 13.67 -7.53
N TYR B 63 -0.86 13.32 -8.76
CA TYR B 63 -1.92 14.02 -9.47
C TYR B 63 -2.76 13.05 -10.28
N GLY B 64 -4.01 13.42 -10.49
CA GLY B 64 -4.94 12.57 -11.19
C GLY B 64 -6.10 13.42 -11.62
N GLU B 65 -6.81 12.99 -12.65
CA GLU B 65 -7.96 13.75 -13.07
C GLU B 65 -8.99 13.63 -11.97
N THR B 66 -9.58 14.76 -11.57
CA THR B 66 -10.50 14.78 -10.44
C THR B 66 -11.74 13.92 -10.66
N GLY B 67 -12.08 13.12 -9.65
CA GLY B 67 -13.20 12.19 -9.72
C GLY B 67 -13.29 11.41 -11.02
N GLY B 68 -12.16 11.24 -11.70
CA GLY B 68 -12.08 10.35 -12.86
C GLY B 68 -11.98 8.92 -12.36
N ASN B 69 -11.34 8.76 -11.19
CA ASN B 69 -11.26 7.49 -10.48
C ASN B 69 -10.10 6.55 -10.90
N SER B 70 -9.45 6.86 -12.01
CA SER B 70 -8.30 6.08 -12.51
C SER B 70 -7.10 6.02 -11.54
N PRO B 71 -6.05 5.26 -11.91
CA PRO B 71 -4.80 5.34 -11.15
C PRO B 71 -4.18 6.73 -11.26
N VAL B 72 -3.50 7.17 -10.21
CA VAL B 72 -2.88 8.49 -10.24
C VAL B 72 -1.41 8.36 -10.56
N GLN B 73 -0.83 9.42 -11.08
CA GLN B 73 0.60 9.49 -11.27
C GLN B 73 1.26 10.08 -10.04
N GLU B 74 2.56 9.85 -9.94
CA GLU B 74 3.30 10.17 -8.75
C GLU B 74 4.73 10.38 -9.15
N PHE B 75 5.38 11.34 -8.52
CA PHE B 75 6.78 11.51 -8.77
C PHE B 75 7.41 12.15 -7.58
N THR B 76 8.73 12.14 -7.54
CA THR B 76 9.46 12.48 -6.33
C THR B 76 10.18 13.78 -6.48
N VAL B 77 10.19 14.57 -5.41
CA VAL B 77 10.98 15.78 -5.43
C VAL B 77 11.89 15.88 -4.18
N PRO B 78 13.19 16.18 -4.37
CA PRO B 78 14.16 16.36 -3.27
C PRO B 78 13.67 17.30 -2.17
N GLY B 79 13.98 16.98 -0.92
CA GLY B 79 13.37 17.66 0.23
C GLY B 79 13.79 19.09 0.46
N SER B 80 14.88 19.48 -0.20
CA SER B 80 15.39 20.84 -0.11
C SER B 80 14.58 21.74 -1.05
N LYS B 81 13.89 21.11 -2.00
CA LYS B 81 13.00 21.84 -2.88
C LYS B 81 11.64 22.05 -2.21
N SER B 82 10.80 22.89 -2.82
CA SER B 82 9.47 23.17 -2.28
C SER B 82 8.62 23.73 -3.42
N THR B 83 8.96 23.29 -4.63
CA THR B 83 8.16 23.51 -5.82
C THR B 83 8.41 22.38 -6.82
N ALA B 84 7.50 22.21 -7.77
CA ALA B 84 7.60 21.12 -8.72
C ALA B 84 6.79 21.43 -9.94
N THR B 85 7.26 21.01 -11.11
CA THR B 85 6.41 21.06 -12.29
C THR B 85 5.77 19.71 -12.53
N ILE B 86 4.62 19.77 -13.15
CA ILE B 86 3.85 18.61 -13.50
C ILE B 86 3.61 18.79 -15.01
N SER B 87 3.90 17.78 -15.81
CA SER B 87 3.69 17.99 -17.24
C SER B 87 2.89 16.87 -17.89
N GLY B 88 2.50 17.09 -19.15
CA GLY B 88 1.78 16.06 -19.91
C GLY B 88 0.37 15.84 -19.44
N LEU B 89 -0.29 16.92 -19.01
CA LEU B 89 -1.65 16.91 -18.56
C LEU B 89 -2.56 17.14 -19.76
N LYS B 90 -3.79 16.62 -19.71
CA LYS B 90 -4.75 16.86 -20.79
C LYS B 90 -5.36 18.25 -20.62
N PRO B 91 -5.16 19.13 -21.60
CA PRO B 91 -5.66 20.51 -21.53
C PRO B 91 -7.14 20.57 -21.16
N GLY B 92 -7.51 21.57 -20.36
CA GLY B 92 -8.88 21.80 -19.92
C GLY B 92 -9.46 20.81 -18.92
N VAL B 93 -8.67 19.85 -18.45
CA VAL B 93 -9.17 18.87 -17.49
C VAL B 93 -8.92 19.31 -16.04
N ASP B 94 -9.68 18.76 -15.10
CA ASP B 94 -9.51 19.11 -13.67
C ASP B 94 -8.73 18.02 -12.96
N TYR B 95 -7.57 18.39 -12.42
CA TYR B 95 -6.72 17.47 -11.69
C TYR B 95 -6.76 17.67 -10.18
N THR B 96 -6.49 16.60 -9.46
CA THR B 96 -6.32 16.70 -8.02
C THR B 96 -4.85 16.49 -7.76
N ILE B 97 -4.24 17.44 -7.07
CA ILE B 97 -2.81 17.36 -6.73
C ILE B 97 -2.59 17.26 -5.21
N THR B 98 -1.67 16.41 -4.79
CA THR B 98 -1.50 16.13 -3.36
C THR B 98 -0.02 16.02 -3.15
N VAL B 99 0.49 16.65 -2.10
CA VAL B 99 1.92 16.67 -1.84
C VAL B 99 2.21 15.94 -0.54
N TYR B 100 3.04 14.91 -0.63
CA TYR B 100 3.33 14.06 0.52
C TYR B 100 4.73 14.35 1.01
N ALA B 101 4.85 14.62 2.31
CA ALA B 101 6.15 14.84 2.88
C ALA B 101 6.70 13.54 3.43
N VAL B 102 7.76 13.02 2.82
CA VAL B 102 8.36 11.80 3.34
C VAL B 102 9.47 12.07 4.37
N THR B 103 9.20 11.64 5.59
CA THR B 103 10.05 11.92 6.73
C THR B 103 10.55 10.60 7.27
N GLY B 104 9.92 10.14 8.35
CA GLY B 104 10.14 8.82 8.89
C GLY B 104 8.81 8.18 9.26
N LEU B 105 8.82 6.88 9.49
CA LEU B 105 7.59 6.20 9.87
C LEU B 105 6.92 6.93 11.04
N ARG B 106 7.65 7.16 12.13
CA ARG B 106 7.01 7.78 13.28
C ARG B 106 6.35 9.15 12.99
N LEU B 107 7.12 10.13 12.51
CA LEU B 107 6.54 11.44 12.14
C LEU B 107 5.35 11.25 11.22
N MET B 108 5.53 10.50 10.13
CA MET B 108 4.46 10.34 9.16
C MET B 108 3.19 9.83 9.81
N LEU B 109 3.32 8.88 10.73
CA LEU B 109 2.15 8.43 11.48
C LEU B 109 1.59 9.57 12.32
N ALA B 110 2.41 10.11 13.22
CA ALA B 110 1.99 11.24 14.05
C ALA B 110 1.37 12.37 13.23
N GLY B 111 1.96 12.62 12.05
CA GLY B 111 1.57 13.73 11.21
C GLY B 111 0.11 13.79 10.76
N SER B 112 -0.25 14.94 10.20
CA SER B 112 -1.60 15.22 9.79
C SER B 112 -1.88 14.72 8.38
N LYS B 113 -3.16 14.69 8.03
CA LYS B 113 -3.64 14.42 6.67
C LYS B 113 -2.94 15.33 5.66
N PRO B 114 -2.45 14.78 4.54
CA PRO B 114 -1.74 15.64 3.59
C PRO B 114 -2.64 16.65 2.90
N ILE B 115 -2.06 17.79 2.54
CA ILE B 115 -2.81 18.87 1.93
C ILE B 115 -2.93 18.62 0.42
N SER B 116 -4.14 18.79 -0.10
CA SER B 116 -4.37 18.62 -1.54
C SER B 116 -5.19 19.75 -2.18
N ILE B 117 -5.11 19.89 -3.50
CA ILE B 117 -5.91 20.88 -4.20
C ILE B 117 -6.33 20.44 -5.57
N ASN B 118 -7.30 21.15 -6.12
CA ASN B 118 -7.85 20.83 -7.41
C ASN B 118 -7.57 21.96 -8.38
N TYR B 119 -7.12 21.63 -9.57
CA TYR B 119 -6.82 22.67 -10.52
C TYR B 119 -7.10 22.17 -11.92
N ARG B 120 -7.83 22.96 -12.69
CA ARG B 120 -8.24 22.55 -14.02
C ARG B 120 -7.29 23.18 -14.99
N THR B 121 -6.78 22.38 -15.90
CA THR B 121 -5.70 22.78 -16.78
C THR B 121 -6.27 23.15 -18.15
#